data_4QO9
#
_entry.id   4QO9
#
_cell.length_a   53.610
_cell.length_b   90.720
_cell.length_c   61.880
_cell.angle_alpha   90.00
_cell.angle_beta   92.89
_cell.angle_gamma   90.00
#
_symmetry.space_group_name_H-M   'P 1 21 1'
#
loop_
_entity.id
_entity.type
_entity.pdbx_description
1 polymer 'SERINE/THREONINE-PROTEIN KINASE 24'
2 non-polymer 'TRIETHYLENE GLYCOL'
3 non-polymer 1,2-ETHANEDIOL
4 non-polymer 'CHLORIDE ION'
5 non-polymer N-[(3E)-5-[(2R)-2-METHOXY-2-PHENYLACETYL]PYRROLO[3,4-C]PYRAZOL-3(5H)-YLIDENE]-4-(4-METHYLPIPERAZIN-1-YL)BENZAMIDE
6 non-polymer 'DIMETHYL SULFOXIDE'
7 water water
#
_entity_poly.entity_id   1
_entity_poly.type   'polypeptide(L)'
_entity_poly.pdbx_seq_one_letter_code
;GPLGSEFMAHSPVQSGLPGMQNLKADPEELFTKLEKIGKGSFGEVFKGIDNRTQKVVAIKIIDLEEAEDEIEDIQQEITV
LSQCDSPYVTKYYGSYLKDTKLWIIMEYLGGGSALDLLEPGPLDETQIATILREILKGLDYLHSEKKIHRDIKAANVLLS
EHGEVKLADFGVAGQLTDTQIKRN(TPO)FVGTPFWMAPEVIKQSAYDSKADIWSLGITAIELARGEPPHSELHPMKVLF
LIPKNNPPTLEGNYSKPLKEFVEACLNKEPSFRPTAKELLKHKFILRNAKKTSYLTELIDRYKRWKAEQSHDDS
;
_entity_poly.pdbx_strand_id   A,B
#
# COMPACT_ATOMS: atom_id res chain seq x y z
N ALA A 25 -23.97 33.98 16.80
CA ALA A 25 -23.72 34.20 18.22
C ALA A 25 -22.34 33.69 18.61
N ASP A 26 -22.14 33.40 19.89
CA ASP A 26 -20.86 32.91 20.40
C ASP A 26 -20.68 31.44 20.04
N PRO A 27 -19.66 31.14 19.22
CA PRO A 27 -19.43 29.77 18.72
C PRO A 27 -19.04 28.78 19.84
N GLU A 28 -18.49 29.29 20.94
CA GLU A 28 -18.10 28.42 22.06
C GLU A 28 -19.29 28.06 22.91
N GLU A 29 -20.43 28.67 22.60
CA GLU A 29 -21.69 28.33 23.21
C GLU A 29 -22.39 27.33 22.31
N LEU A 30 -22.37 27.65 21.02
CA LEU A 30 -23.12 26.89 20.03
C LEU A 30 -22.50 25.53 19.71
N PHE A 31 -21.19 25.44 19.88
CA PHE A 31 -20.46 24.26 19.48
C PHE A 31 -19.61 23.71 20.62
N THR A 32 -19.35 22.42 20.57
CA THR A 32 -18.47 21.78 21.52
C THR A 32 -17.46 20.95 20.74
N LYS A 33 -16.18 21.13 21.03
CA LYS A 33 -15.15 20.30 20.40
C LYS A 33 -15.02 18.96 21.14
N LEU A 34 -14.91 17.87 20.38
CA LEU A 34 -14.72 16.55 21.00
C LEU A 34 -13.29 16.10 20.88
N GLU A 35 -12.65 16.40 19.75
CA GLU A 35 -11.34 15.87 19.48
C GLU A 35 -10.60 16.67 18.41
N LYS A 36 -9.34 16.96 18.65
CA LYS A 36 -8.52 17.64 17.66
C LYS A 36 -8.06 16.61 16.62
N ILE A 37 -8.39 16.84 15.35
CA ILE A 37 -8.05 15.83 14.34
C ILE A 37 -7.02 16.31 13.35
N GLY A 38 -6.77 17.62 13.34
CA GLY A 38 -5.79 18.21 12.43
C GLY A 38 -5.15 19.44 13.07
N LYS A 39 -3.89 19.71 12.75
CA LYS A 39 -3.22 20.89 13.29
C LYS A 39 -2.18 21.44 12.33
N GLY A 40 -2.11 22.78 12.25
CA GLY A 40 -1.09 23.48 11.50
C GLY A 40 -0.64 24.67 12.34
N SER A 41 0.11 25.60 11.75
CA SER A 41 0.60 26.74 12.53
C SER A 41 -0.43 27.87 12.62
N PHE A 42 -1.32 27.93 11.65
CA PHE A 42 -2.30 29.01 11.58
C PHE A 42 -3.65 28.51 12.08
N GLY A 43 -3.84 27.18 12.10
CA GLY A 43 -5.14 26.61 12.40
C GLY A 43 -5.21 25.18 12.92
N GLU A 44 -6.41 24.80 13.37
CA GLU A 44 -6.67 23.47 13.90
C GLU A 44 -8.03 22.99 13.39
N VAL A 45 -8.17 21.68 13.23
CA VAL A 45 -9.45 21.12 12.86
C VAL A 45 -9.89 20.13 13.93
N PHE A 46 -11.16 20.18 14.28
CA PHE A 46 -11.69 19.34 15.32
C PHE A 46 -12.85 18.51 14.81
N LYS A 47 -13.04 17.35 15.42
CA LYS A 47 -14.35 16.71 15.40
C LYS A 47 -15.17 17.37 16.50
N GLY A 48 -16.39 17.79 16.19
CA GLY A 48 -17.21 18.45 17.18
C GLY A 48 -18.71 18.32 17.02
N ILE A 49 -19.42 19.04 17.87
CA ILE A 49 -20.88 18.93 17.95
C ILE A 49 -21.55 20.28 17.84
N ASP A 50 -22.61 20.36 17.03
CA ASP A 50 -23.58 21.46 17.16
C ASP A 50 -24.41 21.17 18.40
N ASN A 51 -24.37 22.05 19.41
CA ASN A 51 -25.01 21.74 20.68
C ASN A 51 -26.52 21.72 20.59
N ARG A 52 -27.06 22.53 19.69
CA ARG A 52 -28.51 22.62 19.49
C ARG A 52 -29.12 21.28 19.02
N THR A 53 -28.42 20.57 18.13
CA THR A 53 -28.97 19.33 17.57
C THR A 53 -28.18 18.08 17.92
N GLN A 54 -26.98 18.28 18.49
CA GLN A 54 -26.05 17.20 18.76
C GLN A 54 -25.39 16.64 17.49
N LYS A 55 -25.64 17.27 16.35
CA LYS A 55 -25.00 16.85 15.11
C LYS A 55 -23.47 16.97 15.18
N VAL A 56 -22.79 15.90 14.76
CA VAL A 56 -21.34 15.92 14.62
C VAL A 56 -20.96 16.75 13.40
N VAL A 57 -20.00 17.66 13.59
CA VAL A 57 -19.49 18.54 12.55
C VAL A 57 -17.97 18.61 12.63
N ALA A 58 -17.37 19.04 11.52
CA ALA A 58 -15.97 19.47 11.49
C ALA A 58 -15.89 20.95 11.85
N ILE A 59 -14.92 21.30 12.67
CA ILE A 59 -14.77 22.69 13.12
C ILE A 59 -13.33 23.06 12.84
N LYS A 60 -13.13 23.93 11.86
CA LYS A 60 -11.79 24.36 11.52
C LYS A 60 -11.62 25.74 12.12
N ILE A 61 -10.59 25.93 12.93
CA ILE A 61 -10.41 27.21 13.59
C ILE A 61 -9.15 27.84 13.10
N ILE A 62 -9.26 29.05 12.58
CA ILE A 62 -8.11 29.79 12.09
C ILE A 62 -7.76 30.91 13.07
N ASP A 63 -6.50 30.95 13.47
CA ASP A 63 -6.01 32.09 14.24
C ASP A 63 -5.73 33.23 13.25
N LEU A 64 -6.60 34.23 13.24
CA LEU A 64 -6.48 35.34 12.30
C LEU A 64 -5.26 36.21 12.57
N GLU A 65 -4.77 36.17 13.81
CA GLU A 65 -3.55 36.88 14.18
C GLU A 65 -2.34 36.25 13.48
N GLU A 66 -2.32 34.92 13.42
CA GLU A 66 -1.19 34.19 12.85
C GLU A 66 -1.32 33.94 11.34
N ALA A 67 -2.50 34.16 10.79
CA ALA A 67 -2.83 33.65 9.45
C ALA A 67 -2.12 34.36 8.27
N GLU A 68 -1.89 35.66 8.37
CA GLU A 68 -1.19 36.43 7.32
C GLU A 68 -1.63 36.13 5.88
N ASP A 69 -0.70 35.60 5.10
CA ASP A 69 -0.86 35.46 3.64
C ASP A 69 -1.98 34.53 3.23
N GLU A 70 -2.11 33.42 3.95
CA GLU A 70 -3.05 32.37 3.58
C GLU A 70 -4.49 32.71 3.90
N ILE A 71 -4.71 33.91 4.43
CA ILE A 71 -6.04 34.32 4.81
C ILE A 71 -6.90 34.49 3.55
N GLU A 72 -6.28 34.84 2.43
CA GLU A 72 -7.03 34.95 1.18
C GLU A 72 -7.55 33.58 0.75
N ASP A 73 -6.78 32.52 1.00
CA ASP A 73 -7.20 31.16 0.65
C ASP A 73 -8.39 30.73 1.49
N ILE A 74 -8.35 31.04 2.78
CA ILE A 74 -9.44 30.78 3.70
C ILE A 74 -10.75 31.42 3.20
N GLN A 75 -10.66 32.69 2.86
CA GLN A 75 -11.78 33.43 2.29
C GLN A 75 -12.29 32.80 1.00
N GLN A 76 -11.38 32.42 0.12
CA GLN A 76 -11.77 31.82 -1.15
C GLN A 76 -12.46 30.47 -0.95
N GLU A 77 -11.98 29.66 -0.02
CA GLU A 77 -12.61 28.36 0.23
C GLU A 77 -14.03 28.51 0.74
N ILE A 78 -14.21 29.38 1.73
CA ILE A 78 -15.53 29.67 2.29
C ILE A 78 -16.49 30.15 1.21
N THR A 79 -16.02 31.05 0.36
CA THR A 79 -16.86 31.58 -0.71
C THR A 79 -17.29 30.47 -1.67
N VAL A 80 -16.35 29.64 -2.09
CA VAL A 80 -16.66 28.59 -3.05
C VAL A 80 -17.57 27.52 -2.43
N LEU A 81 -17.24 27.06 -1.22
CA LEU A 81 -18.06 26.01 -0.61
C LEU A 81 -19.48 26.49 -0.29
N SER A 82 -19.63 27.78 -0.05
CA SER A 82 -20.96 28.32 0.27
C SER A 82 -21.84 28.30 -0.99
N GLN A 83 -21.19 28.30 -2.14
CA GLN A 83 -21.89 28.20 -3.42
C GLN A 83 -22.10 26.75 -3.88
N CYS A 84 -21.57 25.77 -3.16
CA CYS A 84 -21.67 24.37 -3.60
C CYS A 84 -22.75 23.58 -2.85
N ASP A 85 -23.48 22.75 -3.59
CA ASP A 85 -24.47 21.88 -2.96
C ASP A 85 -24.51 20.54 -3.68
N SER A 86 -23.61 19.66 -3.27
CA SER A 86 -23.39 18.38 -3.93
C SER A 86 -23.02 17.35 -2.88
N PRO A 87 -23.46 16.10 -3.06
CA PRO A 87 -23.00 15.05 -2.14
C PRO A 87 -21.53 14.68 -2.33
N TYR A 88 -20.88 15.28 -3.33
CA TYR A 88 -19.47 14.99 -3.61
C TYR A 88 -18.54 16.13 -3.19
N VAL A 89 -19.11 17.17 -2.58
CA VAL A 89 -18.31 18.29 -2.08
C VAL A 89 -18.61 18.57 -0.60
N THR A 90 -17.55 18.69 0.20
CA THR A 90 -17.68 18.93 1.64
C THR A 90 -18.61 20.11 1.90
N LYS A 91 -19.66 19.86 2.70
CA LYS A 91 -20.64 20.88 3.01
C LYS A 91 -20.04 21.98 3.90
N TYR A 92 -20.51 23.21 3.70
CA TYR A 92 -20.14 24.34 4.56
C TYR A 92 -21.37 24.80 5.35
N TYR A 93 -21.24 24.93 6.67
CA TYR A 93 -22.41 25.27 7.49
C TYR A 93 -22.36 26.66 8.08
N GLY A 94 -21.26 27.37 7.89
CA GLY A 94 -21.15 28.69 8.45
C GLY A 94 -19.84 29.04 9.13
N SER A 95 -19.65 30.33 9.35
CA SER A 95 -18.46 30.89 9.94
C SER A 95 -18.80 31.73 11.16
N TYR A 96 -17.95 31.66 12.18
CA TYR A 96 -18.19 32.44 13.38
C TYR A 96 -16.91 33.13 13.74
N LEU A 97 -17.05 34.26 14.39
CA LEU A 97 -15.89 35.03 14.80
C LEU A 97 -15.88 35.11 16.31
N LYS A 98 -14.74 34.77 16.91
CA LYS A 98 -14.57 34.89 18.35
C LYS A 98 -13.17 35.36 18.67
N ASP A 99 -13.03 36.65 18.96
CA ASP A 99 -11.74 37.27 19.24
C ASP A 99 -10.79 37.13 18.05
N THR A 100 -9.67 36.44 18.23
CA THR A 100 -8.72 36.29 17.13
C THR A 100 -9.01 35.06 16.28
N LYS A 101 -10.08 34.34 16.60
CA LYS A 101 -10.33 33.06 15.96
C LYS A 101 -11.48 33.11 14.97
N LEU A 102 -11.27 32.50 13.81
CA LEU A 102 -12.33 32.24 12.84
C LEU A 102 -12.71 30.77 12.93
N TRP A 103 -13.97 30.51 13.24
CA TRP A 103 -14.53 29.16 13.33
C TRP A 103 -15.28 28.86 12.06
N ILE A 104 -14.86 27.82 11.32
CA ILE A 104 -15.53 27.44 10.08
C ILE A 104 -16.23 26.10 10.28
N ILE A 105 -17.56 26.08 10.19
CA ILE A 105 -18.28 24.85 10.48
C ILE A 105 -18.55 24.08 9.18
N MET A 106 -18.12 22.82 9.15
CA MET A 106 -18.17 21.99 7.94
C MET A 106 -18.68 20.58 8.21
N GLU A 107 -19.17 19.93 7.16
CA GLU A 107 -19.52 18.52 7.20
C GLU A 107 -18.38 17.69 7.83
N TYR A 108 -18.65 16.87 8.83
CA TYR A 108 -17.62 15.98 9.34
C TYR A 108 -17.48 14.75 8.46
N LEU A 109 -16.26 14.50 7.97
CA LEU A 109 -15.93 13.32 7.19
C LEU A 109 -14.89 12.48 7.95
N GLY A 110 -15.33 11.38 8.55
CA GLY A 110 -14.51 10.65 9.48
C GLY A 110 -13.74 9.42 9.01
N GLY A 111 -13.72 9.15 7.72
CA GLY A 111 -12.99 7.99 7.22
C GLY A 111 -11.49 8.22 7.01
N GLY A 112 -11.09 9.48 6.92
CA GLY A 112 -9.73 9.81 6.56
C GLY A 112 -9.62 10.21 5.09
N SER A 113 -8.49 10.81 4.72
CA SER A 113 -8.25 11.15 3.32
C SER A 113 -7.83 9.91 2.55
N ALA A 114 -7.95 9.96 1.22
CA ALA A 114 -7.52 8.86 0.38
C ALA A 114 -6.04 8.57 0.60
N LEU A 115 -5.24 9.61 0.77
CA LEU A 115 -3.82 9.45 1.09
C LEU A 115 -3.63 8.73 2.44
N ASP A 116 -4.33 9.20 3.48
CA ASP A 116 -4.31 8.50 4.76
C ASP A 116 -4.55 7.00 4.61
N LEU A 117 -5.53 6.67 3.78
CA LEU A 117 -5.99 5.30 3.64
C LEU A 117 -5.01 4.45 2.86
N LEU A 118 -4.00 5.10 2.29
CA LEU A 118 -2.90 4.42 1.61
C LEU A 118 -1.82 3.97 2.59
N GLU A 119 -1.78 4.62 3.76
CA GLU A 119 -0.73 4.36 4.74
C GLU A 119 -0.56 2.88 5.10
N PRO A 120 -1.66 2.15 5.40
CA PRO A 120 -1.47 0.75 5.79
C PRO A 120 -0.95 -0.15 4.66
N GLY A 121 -0.99 0.32 3.42
CA GLY A 121 -0.60 -0.48 2.27
C GLY A 121 -1.39 -0.12 1.03
N PRO A 122 -1.03 -0.71 -0.12
CA PRO A 122 -1.61 -0.40 -1.45
C PRO A 122 -3.11 -0.68 -1.55
N LEU A 123 -3.78 0.08 -2.43
CA LEU A 123 -5.18 -0.13 -2.75
C LEU A 123 -5.27 -1.22 -3.81
N ASP A 124 -6.41 -1.90 -3.92
CA ASP A 124 -6.58 -2.75 -5.08
C ASP A 124 -7.33 -1.94 -6.13
N GLU A 125 -7.40 -2.45 -7.36
CA GLU A 125 -7.92 -1.66 -8.48
C GLU A 125 -9.43 -1.42 -8.39
N THR A 126 -10.09 -2.24 -7.59
CA THR A 126 -11.50 -2.03 -7.26
C THR A 126 -11.65 -0.77 -6.41
N GLN A 127 -10.80 -0.65 -5.38
CA GLN A 127 -10.82 0.51 -4.50
C GLN A 127 -10.45 1.76 -5.29
N ILE A 128 -9.40 1.64 -6.09
CA ILE A 128 -8.90 2.76 -6.90
C ILE A 128 -9.99 3.26 -7.87
N ALA A 129 -10.58 2.33 -8.60
CA ALA A 129 -11.63 2.69 -9.55
C ALA A 129 -12.82 3.34 -8.86
N THR A 130 -13.19 2.85 -7.68
CA THR A 130 -14.33 3.42 -6.95
C THR A 130 -14.04 4.85 -6.51
N ILE A 131 -12.85 5.05 -5.94
CA ILE A 131 -12.42 6.37 -5.51
C ILE A 131 -12.34 7.36 -6.66
N LEU A 132 -11.72 6.97 -7.77
CA LEU A 132 -11.66 7.81 -8.95
C LEU A 132 -13.05 8.15 -9.48
N ARG A 133 -13.92 7.15 -9.51
CA ARG A 133 -15.29 7.40 -9.97
C ARG A 133 -15.97 8.51 -9.17
N GLU A 134 -15.86 8.43 -7.85
CA GLU A 134 -16.49 9.40 -6.97
C GLU A 134 -15.85 10.80 -7.14
N ILE A 135 -14.53 10.86 -7.21
CA ILE A 135 -13.83 12.11 -7.56
C ILE A 135 -14.36 12.72 -8.87
N LEU A 136 -14.52 11.86 -9.88
CA LEU A 136 -15.08 12.27 -11.18
C LEU A 136 -16.48 12.90 -11.07
N LYS A 137 -17.35 12.27 -10.28
CA LYS A 137 -18.66 12.86 -10.00
C LYS A 137 -18.50 14.25 -9.35
N GLY A 138 -17.56 14.39 -8.44
CA GLY A 138 -17.34 15.68 -7.80
C GLY A 138 -16.83 16.72 -8.77
N LEU A 139 -15.87 16.33 -9.61
CA LEU A 139 -15.35 17.23 -10.63
C LEU A 139 -16.43 17.58 -11.65
N ASP A 140 -17.24 16.60 -12.02
CA ASP A 140 -18.36 16.89 -12.93
C ASP A 140 -19.28 17.94 -12.33
N TYR A 141 -19.58 17.79 -11.05
CA TYR A 141 -20.45 18.77 -10.42
C TYR A 141 -19.81 20.17 -10.50
N LEU A 142 -18.54 20.26 -10.11
CA LEU A 142 -17.86 21.55 -10.02
C LEU A 142 -17.74 22.21 -11.38
N HIS A 143 -17.31 21.44 -12.37
CA HIS A 143 -17.12 21.96 -13.71
C HIS A 143 -18.44 22.43 -14.31
N SER A 144 -19.55 21.78 -13.95
CA SER A 144 -20.84 22.23 -14.48
C SER A 144 -21.25 23.54 -13.80
N GLU A 145 -20.76 23.75 -12.58
CA GLU A 145 -20.95 25.02 -11.88
C GLU A 145 -19.85 26.04 -12.26
N LYS A 146 -19.07 25.72 -13.29
CA LYS A 146 -18.00 26.59 -13.79
C LYS A 146 -16.96 26.88 -12.72
N LYS A 147 -16.73 25.90 -11.85
CA LYS A 147 -15.67 25.98 -10.87
C LYS A 147 -14.54 25.02 -11.22
N ILE A 148 -13.31 25.37 -10.83
CA ILE A 148 -12.15 24.52 -11.07
C ILE A 148 -11.50 24.31 -9.73
N HIS A 149 -11.22 23.06 -9.38
CA HIS A 149 -10.67 22.81 -8.06
C HIS A 149 -9.21 23.30 -7.97
N ARG A 150 -8.40 22.87 -8.93
CA ARG A 150 -7.00 23.31 -9.11
C ARG A 150 -6.03 22.75 -8.09
N ASP A 151 -6.52 22.00 -7.11
CA ASP A 151 -5.58 21.29 -6.24
C ASP A 151 -6.04 19.85 -5.97
N ILE A 152 -6.40 19.14 -7.04
CA ILE A 152 -6.82 17.75 -6.91
C ILE A 152 -5.60 16.88 -6.59
N LYS A 153 -5.69 16.15 -5.49
CA LYS A 153 -4.67 15.17 -5.07
C LYS A 153 -5.29 14.32 -3.98
N ALA A 154 -4.69 13.17 -3.71
CA ALA A 154 -5.26 12.18 -2.77
C ALA A 154 -5.45 12.77 -1.39
N ALA A 155 -4.55 13.67 -0.97
CA ALA A 155 -4.65 14.27 0.36
C ALA A 155 -5.90 15.13 0.50
N ASN A 156 -6.45 15.56 -0.64
CA ASN A 156 -7.63 16.45 -0.63
C ASN A 156 -8.94 15.72 -0.91
N VAL A 157 -8.87 14.40 -0.93
CA VAL A 157 -10.03 13.57 -1.12
C VAL A 157 -10.41 12.93 0.21
N LEU A 158 -11.53 13.34 0.79
CA LEU A 158 -11.87 12.93 2.14
C LEU A 158 -13.03 11.94 2.13
N LEU A 159 -12.95 10.92 2.97
CA LEU A 159 -14.00 9.91 2.99
C LEU A 159 -14.83 10.00 4.27
N SER A 160 -16.09 9.61 4.16
CA SER A 160 -16.92 9.44 5.34
C SER A 160 -16.77 8.01 5.82
N GLU A 161 -17.20 7.75 7.04
CA GLU A 161 -17.18 6.40 7.60
C GLU A 161 -18.09 5.45 6.81
N HIS A 162 -19.01 5.97 6.00
CA HIS A 162 -19.85 5.08 5.17
C HIS A 162 -19.13 4.69 3.88
N GLY A 163 -17.98 5.31 3.63
CA GLY A 163 -17.26 5.12 2.38
C GLY A 163 -17.59 6.12 1.28
N GLU A 164 -18.29 7.19 1.63
CA GLU A 164 -18.48 8.27 0.67
C GLU A 164 -17.14 8.98 0.40
N VAL A 165 -17.00 9.53 -0.79
CA VAL A 165 -15.76 10.13 -1.24
C VAL A 165 -16.08 11.57 -1.63
N LYS A 166 -15.48 12.54 -0.95
CA LYS A 166 -15.83 13.96 -1.20
C LYS A 166 -14.60 14.84 -1.32
N LEU A 167 -14.75 15.94 -2.06
CA LEU A 167 -13.65 16.85 -2.31
C LEU A 167 -13.59 17.91 -1.21
N ALA A 168 -12.37 18.31 -0.87
CA ALA A 168 -12.08 19.28 0.17
C ALA A 168 -10.87 20.11 -0.26
N ASP A 169 -10.52 21.11 0.56
CA ASP A 169 -9.49 22.12 0.28
C ASP A 169 -9.77 22.91 -0.98
N PHE A 170 -10.58 23.96 -0.84
CA PHE A 170 -10.98 24.78 -1.97
C PHE A 170 -10.27 26.14 -1.92
N GLY A 171 -9.14 26.17 -1.23
CA GLY A 171 -8.38 27.38 -1.00
C GLY A 171 -7.97 28.08 -2.28
N VAL A 172 -7.66 27.30 -3.31
CA VAL A 172 -7.24 27.92 -4.56
C VAL A 172 -8.20 27.62 -5.71
N ALA A 173 -9.41 27.19 -5.40
CA ALA A 173 -10.37 26.94 -6.47
C ALA A 173 -10.65 28.23 -7.28
N GLY A 174 -10.93 28.09 -8.57
CA GLY A 174 -11.18 29.22 -9.43
C GLY A 174 -12.58 29.25 -10.00
N GLN A 175 -13.06 30.44 -10.33
CA GLN A 175 -14.41 30.61 -10.85
C GLN A 175 -14.39 31.14 -12.28
N LEU A 176 -15.12 30.46 -13.16
CA LEU A 176 -15.27 30.93 -14.52
C LEU A 176 -16.60 31.67 -14.60
N THR A 177 -16.64 32.70 -15.43
CA THR A 177 -17.80 33.59 -15.55
C THR A 177 -18.00 33.98 -17.01
N ASP A 178 -18.49 35.20 -17.21
CA ASP A 178 -18.50 35.85 -18.53
C ASP A 178 -17.58 37.06 -18.51
N THR A 179 -17.45 37.67 -17.34
CA THR A 179 -16.49 38.78 -17.16
C THR A 179 -15.06 38.28 -17.30
N GLN A 180 -14.80 37.07 -16.83
CA GLN A 180 -13.49 36.46 -17.11
C GLN A 180 -13.63 35.03 -17.65
N ILE A 181 -13.09 34.87 -18.85
CA ILE A 181 -13.36 33.73 -19.70
C ILE A 181 -12.68 32.43 -19.26
N LYS A 182 -11.40 32.51 -18.90
CA LYS A 182 -10.65 31.38 -18.34
C LYS A 182 -9.73 31.85 -17.21
N ARG A 183 -8.90 30.96 -16.71
CA ARG A 183 -7.98 31.31 -15.65
C ARG A 183 -6.54 31.24 -16.15
N ASN A 184 -5.65 31.92 -15.42
CA ASN A 184 -4.25 32.12 -15.75
C ASN A 184 -3.36 31.76 -14.57
N PHE A 186 -1.02 30.85 -11.62
CA PHE A 186 -0.09 29.79 -11.31
C PHE A 186 -0.43 29.29 -9.91
N VAL A 187 -1.16 28.19 -9.82
CA VAL A 187 -1.65 27.75 -8.53
C VAL A 187 -1.92 26.23 -8.47
N GLY A 188 -1.68 25.63 -7.30
CA GLY A 188 -1.83 24.19 -7.10
C GLY A 188 -0.64 23.57 -6.39
N THR A 189 -0.47 22.26 -6.51
CA THR A 189 0.72 21.59 -5.98
C THR A 189 1.51 21.03 -7.15
N PRO A 190 2.77 21.50 -7.32
CA PRO A 190 3.62 21.27 -8.49
C PRO A 190 3.56 19.86 -9.11
N PHE A 191 3.66 18.79 -8.33
CA PHE A 191 3.70 17.46 -8.91
C PHE A 191 2.39 17.11 -9.62
N TRP A 192 1.27 17.74 -9.19
CA TRP A 192 -0.04 17.46 -9.76
C TRP A 192 -0.50 18.50 -10.79
N MET A 193 0.30 19.54 -11.00
CA MET A 193 -0.13 20.64 -11.87
C MET A 193 -0.01 20.32 -13.35
N ALA A 194 -1.04 20.74 -14.09
CA ALA A 194 -1.09 20.61 -15.55
C ALA A 194 -0.02 21.48 -16.20
N PRO A 195 0.54 21.02 -17.34
CA PRO A 195 1.54 21.84 -18.03
C PRO A 195 1.03 23.22 -18.40
N GLU A 196 -0.24 23.35 -18.77
CA GLU A 196 -0.73 24.66 -19.20
C GLU A 196 -0.90 25.59 -17.97
N VAL A 197 -1.04 25.00 -16.79
CA VAL A 197 -1.09 25.79 -15.57
C VAL A 197 0.33 26.28 -15.23
N ILE A 198 1.32 25.41 -15.41
CA ILE A 198 2.71 25.80 -15.16
C ILE A 198 3.13 26.93 -16.09
N LYS A 199 2.71 26.85 -17.34
CA LYS A 199 3.00 27.89 -18.33
C LYS A 199 2.14 29.14 -18.15
N GLN A 200 1.10 29.05 -17.32
CA GLN A 200 0.18 30.17 -17.10
C GLN A 200 -0.46 30.68 -18.39
N SER A 201 -0.77 29.77 -19.32
CA SER A 201 -1.61 30.18 -20.43
C SER A 201 -3.06 29.99 -20.01
N ALA A 202 -3.99 30.32 -20.90
CA ALA A 202 -5.40 30.25 -20.60
C ALA A 202 -5.79 28.79 -20.41
N TYR A 203 -6.30 28.44 -19.22
CA TYR A 203 -6.72 27.07 -18.97
C TYR A 203 -8.11 27.03 -18.36
N ASP A 204 -8.69 25.82 -18.29
CA ASP A 204 -10.00 25.64 -17.68
C ASP A 204 -10.08 24.31 -16.91
N SER A 205 -11.26 23.69 -16.94
CA SER A 205 -11.54 22.53 -16.12
C SER A 205 -10.66 21.36 -16.50
N LYS A 206 -10.16 21.37 -17.73
CA LYS A 206 -9.30 20.29 -18.22
C LYS A 206 -8.00 20.19 -17.39
N ALA A 207 -7.65 21.28 -16.71
CA ALA A 207 -6.49 21.26 -15.81
C ALA A 207 -6.74 20.27 -14.67
N ASP A 208 -7.98 20.20 -14.18
CA ASP A 208 -8.33 19.27 -13.11
C ASP A 208 -8.20 17.83 -13.58
N ILE A 209 -8.44 17.62 -14.88
CA ILE A 209 -8.37 16.26 -15.46
C ILE A 209 -6.95 15.75 -15.52
N TRP A 210 -6.00 16.64 -15.81
CA TRP A 210 -4.60 16.31 -15.68
C TRP A 210 -4.31 15.96 -14.23
N SER A 211 -4.68 16.82 -13.29
CA SER A 211 -4.40 16.55 -11.88
C SER A 211 -5.03 15.23 -11.47
N LEU A 212 -6.22 14.92 -12.00
CA LEU A 212 -6.87 13.65 -11.68
C LEU A 212 -6.04 12.43 -12.17
N GLY A 213 -5.50 12.55 -13.38
CA GLY A 213 -4.61 11.53 -13.91
C GLY A 213 -3.36 11.37 -13.06
N ILE A 214 -2.85 12.46 -12.49
CA ILE A 214 -1.71 12.31 -11.60
C ILE A 214 -2.18 11.63 -10.31
N THR A 215 -3.38 11.98 -9.85
CA THR A 215 -3.93 11.42 -8.64
C THR A 215 -4.17 9.90 -8.82
N ALA A 216 -4.52 9.51 -10.04
CA ALA A 216 -4.72 8.09 -10.35
C ALA A 216 -3.41 7.32 -10.16
N ILE A 217 -2.31 7.91 -10.62
CA ILE A 217 -0.99 7.33 -10.39
C ILE A 217 -0.69 7.25 -8.90
N GLU A 218 -0.94 8.35 -8.20
CA GLU A 218 -0.74 8.42 -6.77
C GLU A 218 -1.56 7.37 -6.04
N LEU A 219 -2.80 7.15 -6.49
CA LEU A 219 -3.62 6.13 -5.84
C LEU A 219 -3.07 4.72 -6.08
N ALA A 220 -2.42 4.53 -7.21
CA ALA A 220 -1.91 3.21 -7.59
C ALA A 220 -0.55 2.91 -6.95
N ARG A 221 0.30 3.92 -6.89
CA ARG A 221 1.68 3.70 -6.48
C ARG A 221 2.04 4.30 -5.13
N GLY A 222 1.18 5.15 -4.58
CA GLY A 222 1.40 5.77 -3.28
C GLY A 222 1.94 7.19 -3.37
N GLU A 223 2.56 7.51 -4.50
CA GLU A 223 3.18 8.83 -4.67
C GLU A 223 3.01 9.30 -6.11
N PRO A 224 3.03 10.63 -6.33
CA PRO A 224 3.00 11.18 -7.69
C PRO A 224 4.34 10.99 -8.36
N PRO A 225 4.39 11.09 -9.69
CA PRO A 225 5.66 11.04 -10.44
C PRO A 225 6.59 12.14 -9.97
N HIS A 226 7.90 11.91 -10.02
CA HIS A 226 8.94 12.85 -9.60
C HIS A 226 8.86 13.24 -8.12
N SER A 227 8.18 12.44 -7.30
CA SER A 227 7.96 12.82 -5.89
C SER A 227 9.24 12.95 -5.06
N GLU A 228 10.36 12.42 -5.55
CA GLU A 228 11.63 12.56 -4.83
C GLU A 228 12.41 13.81 -5.28
N LEU A 229 11.89 14.50 -6.29
CA LEU A 229 12.58 15.65 -6.87
C LEU A 229 12.17 16.97 -6.23
N HIS A 230 13.03 17.98 -6.37
CA HIS A 230 12.70 19.31 -5.91
C HIS A 230 11.61 19.88 -6.82
N PRO A 231 10.56 20.47 -6.22
CA PRO A 231 9.41 21.05 -6.93
C PRO A 231 9.82 21.92 -8.11
N MET A 232 10.85 22.73 -7.91
CA MET A 232 11.36 23.60 -8.96
C MET A 232 11.76 22.84 -10.22
N LYS A 233 12.34 21.66 -10.05
CA LYS A 233 12.74 20.85 -11.20
C LYS A 233 11.50 20.37 -11.92
N VAL A 234 10.49 19.98 -11.14
CA VAL A 234 9.27 19.43 -11.74
C VAL A 234 8.55 20.47 -12.60
N LEU A 235 8.72 21.75 -12.27
CA LEU A 235 8.13 22.82 -13.07
C LEU A 235 8.71 22.89 -14.49
N PHE A 236 9.92 22.40 -14.72
CA PHE A 236 10.38 22.33 -16.12
C PHE A 236 10.25 20.91 -16.68
N LEU A 237 10.26 19.91 -15.81
CA LEU A 237 10.18 18.52 -16.28
C LEU A 237 8.82 18.22 -16.86
N ILE A 238 7.77 18.72 -16.21
CA ILE A 238 6.41 18.41 -16.66
C ILE A 238 6.18 18.94 -18.08
N PRO A 239 6.52 20.21 -18.36
CA PRO A 239 6.36 20.60 -19.77
C PRO A 239 7.39 19.93 -20.70
N LYS A 240 8.61 19.71 -20.23
CA LYS A 240 9.63 19.13 -21.10
C LYS A 240 9.35 17.68 -21.49
N ASN A 241 8.97 16.83 -20.54
CA ASN A 241 8.85 15.41 -20.86
C ASN A 241 7.52 15.09 -21.54
N ASN A 242 7.47 13.90 -22.13
CA ASN A 242 6.19 13.28 -22.44
C ASN A 242 5.45 13.07 -21.13
N PRO A 243 4.12 12.95 -21.22
CA PRO A 243 3.34 12.71 -20.00
C PRO A 243 3.83 11.48 -19.26
N PRO A 244 3.72 11.49 -17.92
CA PRO A 244 4.07 10.31 -17.11
C PRO A 244 3.21 9.12 -17.50
N THR A 245 3.73 7.91 -17.36
CA THR A 245 2.88 6.73 -17.54
C THR A 245 2.89 5.93 -16.25
N LEU A 246 1.82 5.15 -16.06
CA LEU A 246 1.73 4.24 -14.95
C LEU A 246 2.49 2.96 -15.26
N GLU A 247 3.53 2.67 -14.47
CA GLU A 247 4.36 1.50 -14.74
C GLU A 247 4.16 0.37 -13.75
N GLY A 248 4.46 -0.84 -14.17
CA GLY A 248 4.44 -1.98 -13.27
C GLY A 248 3.18 -2.81 -13.35
N ASN A 249 2.86 -3.45 -12.24
CA ASN A 249 1.77 -4.39 -12.17
C ASN A 249 0.44 -3.64 -11.97
N TYR A 250 -0.04 -3.06 -13.05
CA TYR A 250 -1.34 -2.43 -13.05
C TYR A 250 -2.01 -2.79 -14.37
N SER A 251 -3.30 -3.07 -14.31
CA SER A 251 -4.03 -3.53 -15.47
C SER A 251 -3.92 -2.52 -16.59
N LYS A 252 -3.97 -3.03 -17.82
CA LYS A 252 -3.92 -2.20 -19.01
C LYS A 252 -4.99 -1.10 -18.96
N PRO A 253 -6.25 -1.43 -18.58
CA PRO A 253 -7.22 -0.33 -18.60
C PRO A 253 -6.90 0.83 -17.63
N LEU A 254 -6.28 0.53 -16.48
CA LEU A 254 -5.88 1.57 -15.55
C LEU A 254 -4.82 2.42 -16.21
N LYS A 255 -3.84 1.78 -16.85
CA LYS A 255 -2.78 2.53 -17.52
C LYS A 255 -3.34 3.38 -18.66
N GLU A 256 -4.40 2.90 -19.31
CA GLU A 256 -5.00 3.69 -20.39
C GLU A 256 -5.88 4.83 -19.83
N PHE A 257 -6.45 4.60 -18.64
CA PHE A 257 -7.14 5.68 -17.92
C PHE A 257 -6.19 6.84 -17.61
N VAL A 258 -5.04 6.52 -17.02
CA VAL A 258 -3.97 7.49 -16.80
C VAL A 258 -3.55 8.17 -18.11
N GLU A 259 -3.36 7.36 -19.15
CA GLU A 259 -2.90 7.87 -20.42
C GLU A 259 -3.90 8.89 -21.01
N ALA A 260 -5.19 8.59 -20.93
CA ALA A 260 -6.19 9.50 -21.46
C ALA A 260 -6.20 10.83 -20.67
N CYS A 261 -6.07 10.77 -19.36
CA CYS A 261 -6.05 11.98 -18.54
C CYS A 261 -4.86 12.85 -18.86
N LEU A 262 -3.68 12.24 -18.93
CA LEU A 262 -2.46 13.01 -19.03
C LEU A 262 -2.09 13.28 -20.47
N ASN A 263 -3.00 13.85 -21.22
CA ASN A 263 -2.66 14.33 -22.56
C ASN A 263 -2.11 15.75 -22.41
N LYS A 264 -1.02 16.05 -23.12
CA LYS A 264 -0.44 17.39 -23.08
C LYS A 264 -1.42 18.44 -23.55
N GLU A 265 -2.29 18.05 -24.49
CA GLU A 265 -3.23 18.96 -25.13
C GLU A 265 -4.62 18.90 -24.48
N PRO A 266 -5.00 19.97 -23.76
CA PRO A 266 -6.26 19.92 -22.98
C PRO A 266 -7.50 19.59 -23.83
N SER A 267 -7.54 19.96 -25.09
CA SER A 267 -8.73 19.67 -25.88
C SER A 267 -8.78 18.19 -26.27
N PHE A 268 -7.66 17.48 -26.12
CA PHE A 268 -7.68 16.02 -26.29
C PHE A 268 -7.92 15.28 -24.98
N ARG A 269 -7.96 15.97 -23.85
CA ARG A 269 -8.27 15.28 -22.59
C ARG A 269 -9.76 15.08 -22.54
N PRO A 270 -10.21 13.95 -21.99
CA PRO A 270 -11.65 13.76 -21.81
C PRO A 270 -12.22 14.66 -20.72
N THR A 271 -13.53 14.79 -20.68
CA THR A 271 -14.16 15.44 -19.53
C THR A 271 -14.34 14.43 -18.39
N ALA A 272 -14.63 14.92 -17.20
CA ALA A 272 -14.91 14.03 -16.08
C ALA A 272 -16.13 13.13 -16.39
N LYS A 273 -17.15 13.72 -16.98
CA LYS A 273 -18.34 12.96 -17.33
C LYS A 273 -17.99 11.79 -18.26
N GLU A 274 -17.20 12.05 -19.30
CA GLU A 274 -16.75 10.98 -20.20
C GLU A 274 -16.01 9.89 -19.44
N LEU A 275 -15.12 10.31 -18.54
CA LEU A 275 -14.29 9.36 -17.79
C LEU A 275 -15.11 8.44 -16.90
N LEU A 276 -16.32 8.87 -16.54
CA LEU A 276 -17.23 8.04 -15.77
C LEU A 276 -17.55 6.75 -16.52
N LYS A 277 -17.38 6.78 -17.84
CA LYS A 277 -17.67 5.61 -18.64
C LYS A 277 -16.41 4.99 -19.25
N HIS A 278 -15.24 5.32 -18.69
CA HIS A 278 -14.01 4.64 -19.09
C HIS A 278 -14.08 3.17 -18.69
N LYS A 279 -13.49 2.28 -19.49
CA LYS A 279 -13.64 0.86 -19.20
C LYS A 279 -12.99 0.47 -17.88
N PHE A 280 -11.91 1.15 -17.50
CA PHE A 280 -11.31 0.86 -16.21
C PHE A 280 -12.30 1.10 -15.07
N ILE A 281 -13.07 2.16 -15.19
CA ILE A 281 -14.05 2.47 -14.16
C ILE A 281 -15.23 1.50 -14.20
N LEU A 282 -15.73 1.23 -15.41
CA LEU A 282 -16.87 0.33 -15.56
C LEU A 282 -16.56 -1.11 -15.17
N ARG A 283 -15.34 -1.58 -15.41
CA ARG A 283 -15.04 -2.97 -15.09
C ARG A 283 -14.57 -3.17 -13.65
N ASN A 284 -14.25 -2.09 -12.94
CA ASN A 284 -13.63 -2.25 -11.62
C ASN A 284 -14.35 -1.55 -10.45
N ALA A 285 -15.05 -0.44 -10.71
CA ALA A 285 -15.68 0.30 -9.63
C ALA A 285 -16.86 -0.47 -9.03
N LYS A 286 -17.03 -0.37 -7.71
CA LYS A 286 -18.18 -1.00 -7.07
C LYS A 286 -18.86 0.01 -6.15
N LYS A 287 -19.87 -0.46 -5.40
CA LYS A 287 -20.61 0.40 -4.46
C LYS A 287 -19.64 1.09 -3.49
N THR A 288 -19.92 2.33 -3.13
CA THR A 288 -19.02 3.05 -2.23
C THR A 288 -18.94 2.39 -0.84
N SER A 289 -20.00 1.68 -0.45
CA SER A 289 -20.05 1.09 0.88
C SER A 289 -18.95 0.03 1.06
N TYR A 290 -18.49 -0.56 -0.03
CA TYR A 290 -17.37 -1.49 0.03
C TYR A 290 -16.07 -0.84 0.51
N LEU A 291 -15.98 0.48 0.38
CA LEU A 291 -14.80 1.22 0.87
C LEU A 291 -14.69 1.24 2.40
N THR A 292 -15.75 0.87 3.11
CA THR A 292 -15.69 0.80 4.57
C THR A 292 -14.64 -0.19 5.06
N GLU A 293 -14.32 -1.20 4.26
CA GLU A 293 -13.31 -2.15 4.69
C GLU A 293 -11.92 -1.52 4.58
N LEU A 294 -11.81 -0.50 3.72
CA LEU A 294 -10.56 0.22 3.56
C LEU A 294 -10.35 1.12 4.76
N ILE A 295 -11.46 1.61 5.30
CA ILE A 295 -11.44 2.45 6.50
C ILE A 295 -11.21 1.59 7.75
N ASP A 296 -11.84 0.42 7.79
CA ASP A 296 -11.61 -0.52 8.89
C ASP A 296 -10.12 -0.86 8.96
N ARG A 297 -9.54 -1.10 7.80
CA ARG A 297 -8.12 -1.42 7.71
C ARG A 297 -7.28 -0.33 8.36
N TYR A 298 -7.66 0.93 8.09
CA TYR A 298 -6.91 2.04 8.63
C TYR A 298 -7.06 2.12 10.16
N LYS A 299 -8.28 1.92 10.64
CA LYS A 299 -8.58 1.91 12.09
C LYS A 299 -7.70 0.90 12.82
N ARG A 300 -7.66 -0.33 12.32
CA ARG A 300 -6.86 -1.40 12.92
C ARG A 300 -5.37 -1.07 12.85
N TRP A 301 -4.95 -0.55 11.71
CA TRP A 301 -3.59 -0.14 11.49
C TRP A 301 -3.22 0.98 12.41
N LYS A 302 -4.12 1.90 12.56
CA LYS A 302 -3.84 3.06 13.34
C LYS A 302 -3.66 2.62 14.76
N ALA A 303 -4.59 1.81 15.23
CA ALA A 303 -4.67 1.46 16.61
C ALA A 303 -3.44 0.75 17.03
N GLU A 304 -2.95 -0.14 16.20
CA GLU A 304 -1.75 -0.87 16.54
C GLU A 304 -0.67 0.14 16.35
N GLN A 305 0.55 -0.23 16.63
CA GLN A 305 1.60 0.77 16.59
C GLN A 305 1.23 1.99 17.47
N MET B 20 -10.86 -28.28 0.18
CA MET B 20 -11.25 -27.95 -1.18
C MET B 20 -12.48 -27.06 -1.19
N GLN B 21 -13.63 -27.63 -1.51
CA GLN B 21 -14.93 -26.95 -1.49
C GLN B 21 -15.15 -25.96 -2.61
N ASN B 22 -14.25 -25.00 -2.72
CA ASN B 22 -14.39 -23.94 -3.69
C ASN B 22 -13.55 -24.18 -4.92
N LEU B 23 -13.08 -25.42 -5.06
CA LEU B 23 -12.46 -25.84 -6.30
C LEU B 23 -13.33 -25.45 -7.47
N LYS B 24 -12.76 -24.71 -8.39
CA LYS B 24 -13.47 -24.28 -9.60
C LYS B 24 -12.94 -25.02 -10.83
N ALA B 25 -13.40 -24.59 -12.01
CA ALA B 25 -13.02 -25.25 -13.25
C ALA B 25 -13.03 -24.30 -14.45
N ASP B 26 -12.52 -24.78 -15.58
CA ASP B 26 -12.41 -24.00 -16.82
C ASP B 26 -11.56 -22.73 -16.66
N PRO B 27 -10.34 -22.86 -16.11
CA PRO B 27 -9.55 -21.66 -15.84
C PRO B 27 -9.15 -20.91 -17.11
N GLU B 28 -9.13 -21.60 -18.25
CA GLU B 28 -8.67 -20.99 -19.47
C GLU B 28 -9.69 -20.05 -20.08
N GLU B 29 -10.91 -20.04 -19.55
CA GLU B 29 -11.85 -19.02 -19.99
C GLU B 29 -11.81 -17.77 -19.10
N LEU B 30 -11.10 -17.84 -17.97
CA LEU B 30 -10.94 -16.66 -17.11
C LEU B 30 -9.49 -16.15 -17.07
N PHE B 31 -8.53 -17.02 -17.30
CA PHE B 31 -7.14 -16.65 -17.17
C PHE B 31 -6.34 -17.03 -18.41
N THR B 32 -5.33 -16.22 -18.71
CA THR B 32 -4.45 -16.50 -19.83
C THR B 32 -2.99 -16.54 -19.35
N LYS B 33 -2.31 -17.67 -19.60
CA LYS B 33 -0.88 -17.73 -19.37
C LYS B 33 -0.14 -16.84 -20.37
N LEU B 34 0.87 -16.11 -19.91
CA LEU B 34 1.67 -15.28 -20.81
C LEU B 34 3.13 -15.74 -20.86
N GLU B 35 3.74 -15.88 -19.70
CA GLU B 35 5.17 -16.14 -19.63
C GLU B 35 5.51 -17.12 -18.53
N LYS B 36 6.31 -18.13 -18.85
CA LYS B 36 6.78 -19.06 -17.84
C LYS B 36 7.89 -18.41 -17.01
N ILE B 37 7.67 -18.30 -15.72
CA ILE B 37 8.60 -17.56 -14.87
C ILE B 37 9.19 -18.45 -13.78
N GLY B 38 8.75 -19.71 -13.75
CA GLY B 38 9.18 -20.60 -12.68
C GLY B 38 8.90 -22.06 -13.00
N LYS B 39 9.80 -22.91 -12.51
CA LYS B 39 9.67 -24.35 -12.70
C LYS B 39 10.12 -25.03 -11.42
N GLY B 40 9.88 -26.33 -11.31
CA GLY B 40 10.28 -27.03 -10.11
C GLY B 40 9.66 -28.42 -9.95
N SER B 41 9.82 -28.99 -8.77
CA SER B 41 9.34 -30.32 -8.49
C SER B 41 7.84 -30.30 -8.25
N PHE B 42 7.32 -29.13 -7.89
CA PHE B 42 5.87 -28.96 -7.79
C PHE B 42 5.25 -29.06 -9.18
N GLY B 43 5.55 -28.06 -10.01
CA GLY B 43 4.96 -27.92 -11.32
C GLY B 43 5.63 -26.70 -11.92
N GLU B 44 4.83 -25.70 -12.29
CA GLU B 44 5.36 -24.50 -12.94
C GLU B 44 4.59 -23.26 -12.53
N VAL B 45 5.19 -22.10 -12.77
CA VAL B 45 4.56 -20.84 -12.45
C VAL B 45 4.61 -19.94 -13.67
N PHE B 46 3.49 -19.32 -13.99
CA PHE B 46 3.43 -18.41 -15.10
C PHE B 46 3.04 -17.02 -14.65
N LYS B 47 3.52 -16.02 -15.37
CA LYS B 47 2.91 -14.71 -15.30
C LYS B 47 1.70 -14.81 -16.22
N GLY B 48 0.55 -14.44 -15.69
CA GLY B 48 -0.67 -14.60 -16.43
C GLY B 48 -1.54 -13.37 -16.35
N ILE B 49 -2.70 -13.45 -16.96
CA ILE B 49 -3.60 -12.33 -16.92
C ILE B 49 -5.03 -12.78 -16.65
N ASP B 50 -5.72 -11.99 -15.83
CA ASP B 50 -7.17 -12.13 -15.63
C ASP B 50 -7.84 -11.55 -16.86
N ASN B 51 -8.57 -12.36 -17.62
CA ASN B 51 -9.11 -11.93 -18.90
C ASN B 51 -10.11 -10.79 -18.78
N ARG B 52 -10.89 -10.79 -17.71
CA ARG B 52 -11.90 -9.75 -17.50
C ARG B 52 -11.26 -8.38 -17.25
N THR B 53 -10.34 -8.33 -16.30
CA THR B 53 -9.76 -7.06 -15.87
C THR B 53 -8.46 -6.68 -16.59
N GLN B 54 -7.87 -7.65 -17.29
CA GLN B 54 -6.52 -7.51 -17.82
C GLN B 54 -5.53 -7.16 -16.71
N LYS B 55 -5.81 -7.67 -15.51
CA LYS B 55 -4.93 -7.55 -14.35
C LYS B 55 -4.01 -8.74 -14.30
N VAL B 56 -2.71 -8.49 -14.19
CA VAL B 56 -1.70 -9.54 -14.17
C VAL B 56 -1.78 -10.37 -12.90
N VAL B 57 -1.70 -11.70 -13.04
CA VAL B 57 -1.69 -12.60 -11.90
C VAL B 57 -0.57 -13.60 -12.06
N ALA B 58 -0.21 -14.25 -10.94
CA ALA B 58 0.65 -15.41 -11.00
C ALA B 58 -0.20 -16.69 -11.10
N ILE B 59 0.23 -17.63 -11.93
CA ILE B 59 -0.50 -18.86 -12.09
C ILE B 59 0.40 -20.06 -11.83
N LYS B 60 0.19 -20.70 -10.68
CA LYS B 60 0.99 -21.85 -10.31
C LYS B 60 0.21 -23.08 -10.73
N ILE B 61 0.79 -23.84 -11.66
CA ILE B 61 0.12 -25.01 -12.20
C ILE B 61 0.80 -26.27 -11.68
N ILE B 62 0.03 -27.11 -11.02
CA ILE B 62 0.59 -28.32 -10.44
C ILE B 62 0.08 -29.52 -11.21
N ASP B 63 1.01 -30.37 -11.62
CA ASP B 63 0.66 -31.63 -12.25
C ASP B 63 0.36 -32.66 -11.16
N LEU B 64 -0.93 -32.96 -11.00
CA LEU B 64 -1.40 -33.86 -9.95
C LEU B 64 -0.93 -35.32 -10.18
N GLU B 65 -0.68 -35.70 -11.43
CA GLU B 65 -0.08 -36.99 -11.74
C GLU B 65 1.35 -37.09 -11.24
N GLU B 66 2.14 -36.10 -11.54
CA GLU B 66 3.53 -36.02 -11.15
C GLU B 66 3.78 -35.89 -9.65
N ALA B 67 2.90 -35.25 -8.96
CA ALA B 67 3.05 -35.08 -7.57
C ALA B 67 2.25 -36.13 -6.84
N GLU B 68 2.79 -36.65 -5.77
CA GLU B 68 2.00 -37.49 -4.89
C GLU B 68 2.12 -36.88 -3.53
N ASP B 69 3.28 -36.99 -2.97
CA ASP B 69 3.48 -36.62 -1.59
C ASP B 69 3.62 -35.11 -1.44
N GLU B 70 3.53 -34.38 -2.53
CA GLU B 70 3.40 -32.94 -2.40
C GLU B 70 1.97 -32.42 -2.41
N ILE B 71 0.98 -33.30 -2.49
CA ILE B 71 -0.41 -32.84 -2.50
C ILE B 71 -0.84 -32.18 -1.19
N GLU B 72 -0.45 -32.78 -0.09
CA GLU B 72 -0.82 -32.32 1.18
C GLU B 72 -0.21 -30.94 1.45
N ASP B 73 1.01 -30.70 1.01
CA ASP B 73 1.58 -29.39 1.18
C ASP B 73 0.80 -28.39 0.40
N ILE B 74 0.37 -28.81 -0.79
CA ILE B 74 -0.33 -27.93 -1.72
C ILE B 74 -1.68 -27.55 -1.14
N GLN B 75 -2.42 -28.54 -0.64
CA GLN B 75 -3.70 -28.29 0.01
C GLN B 75 -3.53 -27.40 1.24
N GLN B 76 -2.41 -27.57 1.94
CA GLN B 76 -2.19 -26.79 3.14
C GLN B 76 -1.97 -25.32 2.83
N GLU B 77 -1.09 -25.04 1.85
CA GLU B 77 -0.82 -23.66 1.49
C GLU B 77 -2.13 -23.02 1.08
N ILE B 78 -2.89 -23.75 0.27
CA ILE B 78 -4.16 -23.22 -0.23
C ILE B 78 -5.06 -22.89 0.93
N THR B 79 -5.16 -23.82 1.88
CA THR B 79 -6.02 -23.59 3.04
C THR B 79 -5.55 -22.37 3.82
N VAL B 80 -4.25 -22.31 4.09
CA VAL B 80 -3.70 -21.20 4.87
C VAL B 80 -3.77 -19.86 4.13
N LEU B 81 -3.37 -19.84 2.87
CA LEU B 81 -3.42 -18.59 2.11
C LEU B 81 -4.84 -18.06 1.98
N SER B 82 -5.82 -18.95 1.83
CA SER B 82 -7.19 -18.48 1.65
C SER B 82 -7.70 -17.78 2.91
N GLN B 83 -7.09 -18.08 4.06
CA GLN B 83 -7.50 -17.42 5.30
C GLN B 83 -6.67 -16.19 5.58
N CYS B 84 -5.71 -15.90 4.71
CA CYS B 84 -4.86 -14.73 4.93
C CYS B 84 -5.31 -13.52 4.13
N ASP B 85 -5.39 -12.38 4.80
CA ASP B 85 -5.67 -11.14 4.11
C ASP B 85 -4.81 -10.04 4.68
N SER B 86 -3.61 -9.95 4.13
CA SER B 86 -2.64 -8.98 4.60
C SER B 86 -1.78 -8.50 3.43
N PRO B 87 -1.40 -7.24 3.45
CA PRO B 87 -0.48 -6.79 2.40
C PRO B 87 0.91 -7.44 2.51
N TYR B 88 1.17 -8.16 3.60
CA TYR B 88 2.48 -8.74 3.80
C TYR B 88 2.47 -10.26 3.55
N VAL B 89 1.34 -10.77 3.08
CA VAL B 89 1.22 -12.16 2.67
C VAL B 89 0.70 -12.27 1.23
N THR B 90 1.37 -13.08 0.41
CA THR B 90 0.99 -13.25 -1.00
C THR B 90 -0.48 -13.64 -1.06
N LYS B 91 -1.28 -12.87 -1.81
CA LYS B 91 -2.73 -13.07 -1.88
C LYS B 91 -3.09 -14.24 -2.75
N TYR B 92 -4.14 -14.95 -2.35
CA TYR B 92 -4.62 -16.13 -3.06
C TYR B 92 -5.99 -15.83 -3.64
N TYR B 93 -6.19 -16.14 -4.92
CA TYR B 93 -7.43 -15.78 -5.57
C TYR B 93 -8.32 -16.98 -5.86
N GLY B 94 -7.75 -18.18 -5.89
CA GLY B 94 -8.56 -19.35 -6.19
C GLY B 94 -7.81 -20.49 -6.86
N SER B 95 -8.46 -21.64 -6.96
CA SER B 95 -7.93 -22.84 -7.59
C SER B 95 -8.92 -23.39 -8.63
N TYR B 96 -8.36 -23.95 -9.69
CA TYR B 96 -9.14 -24.47 -10.81
C TYR B 96 -8.56 -25.80 -11.24
N LEU B 97 -9.42 -26.79 -11.38
CA LEU B 97 -9.00 -28.10 -11.86
C LEU B 97 -9.23 -28.21 -13.36
N LYS B 98 -8.22 -28.67 -14.08
CA LYS B 98 -8.39 -28.99 -15.48
C LYS B 98 -7.63 -30.25 -15.80
N ASP B 99 -8.36 -31.36 -15.89
CA ASP B 99 -7.78 -32.68 -16.14
C ASP B 99 -6.78 -32.98 -15.03
N THR B 100 -5.52 -33.21 -15.38
CA THR B 100 -4.55 -33.56 -14.35
C THR B 100 -3.87 -32.34 -13.74
N LYS B 101 -4.26 -31.16 -14.20
CA LYS B 101 -3.59 -29.94 -13.75
C LYS B 101 -4.43 -29.15 -12.76
N LEU B 102 -3.79 -28.65 -11.71
CA LEU B 102 -4.43 -27.75 -10.78
C LEU B 102 -3.83 -26.36 -10.94
N TRP B 103 -4.66 -25.38 -11.29
CA TRP B 103 -4.22 -23.99 -11.43
C TRP B 103 -4.48 -23.22 -10.15
N ILE B 104 -3.42 -22.65 -9.60
CA ILE B 104 -3.52 -21.83 -8.40
C ILE B 104 -3.26 -20.38 -8.75
N ILE B 105 -4.27 -19.55 -8.58
CA ILE B 105 -4.19 -18.18 -9.02
C ILE B 105 -3.76 -17.31 -7.85
N MET B 106 -2.65 -16.59 -8.02
CA MET B 106 -2.12 -15.82 -6.92
C MET B 106 -1.72 -14.42 -7.33
N GLU B 107 -1.42 -13.61 -6.33
CA GLU B 107 -0.86 -12.30 -6.54
C GLU B 107 0.45 -12.44 -7.30
N TYR B 108 0.66 -11.62 -8.32
CA TYR B 108 1.93 -11.55 -9.02
C TYR B 108 2.89 -10.55 -8.37
N LEU B 109 4.11 -10.98 -8.14
CA LEU B 109 5.15 -10.13 -7.58
C LEU B 109 6.36 -10.25 -8.48
N GLY B 110 6.67 -9.18 -9.21
CA GLY B 110 7.66 -9.24 -10.27
C GLY B 110 9.08 -8.87 -9.89
N GLY B 111 9.34 -8.64 -8.61
CA GLY B 111 10.64 -8.14 -8.19
C GLY B 111 11.73 -9.18 -7.97
N GLY B 112 11.34 -10.43 -7.78
CA GLY B 112 12.26 -11.48 -7.39
C GLY B 112 12.21 -11.70 -5.88
N SER B 113 12.84 -12.77 -5.40
CA SER B 113 12.92 -12.97 -3.96
C SER B 113 14.09 -12.18 -3.36
N ALA B 114 14.10 -12.05 -2.04
CA ALA B 114 15.20 -11.39 -1.38
C ALA B 114 16.52 -12.14 -1.64
N LEU B 115 16.45 -13.46 -1.82
CA LEU B 115 17.66 -14.22 -2.08
C LEU B 115 18.22 -13.88 -3.48
N ASP B 116 17.34 -13.85 -4.48
CA ASP B 116 17.68 -13.35 -5.82
C ASP B 116 18.43 -12.00 -5.78
N LEU B 117 17.90 -11.08 -4.99
CA LEU B 117 18.38 -9.71 -4.97
C LEU B 117 19.73 -9.58 -4.27
N LEU B 118 20.18 -10.66 -3.64
CA LEU B 118 21.52 -10.75 -3.05
C LEU B 118 22.58 -11.19 -4.08
N GLU B 119 22.13 -11.80 -5.16
CA GLU B 119 23.02 -12.30 -6.20
C GLU B 119 24.01 -11.26 -6.79
N PRO B 120 23.56 -10.03 -7.11
CA PRO B 120 24.55 -9.08 -7.65
C PRO B 120 25.47 -8.48 -6.58
N GLY B 121 25.14 -8.67 -5.30
CA GLY B 121 26.01 -8.18 -4.25
C GLY B 121 25.32 -7.98 -2.91
N PRO B 122 26.06 -7.48 -1.93
CA PRO B 122 25.49 -7.30 -0.59
C PRO B 122 24.46 -6.17 -0.52
N LEU B 123 23.72 -6.18 0.57
CA LEU B 123 22.79 -5.14 0.90
C LEU B 123 23.45 -4.21 1.89
N ASP B 124 23.02 -2.95 1.92
CA ASP B 124 23.39 -2.08 3.02
C ASP B 124 22.38 -2.27 4.14
N GLU B 125 22.61 -1.63 5.27
CA GLU B 125 21.83 -1.88 6.47
C GLU B 125 20.46 -1.24 6.38
N THR B 126 20.35 -0.17 5.59
CA THR B 126 19.05 0.41 5.29
C THR B 126 18.14 -0.57 4.54
N GLN B 127 18.71 -1.25 3.55
CA GLN B 127 17.98 -2.26 2.82
C GLN B 127 17.58 -3.42 3.73
N ILE B 128 18.56 -3.92 4.48
CA ILE B 128 18.35 -5.01 5.44
C ILE B 128 17.23 -4.69 6.42
N ALA B 129 17.31 -3.51 7.04
CA ALA B 129 16.32 -3.08 8.03
C ALA B 129 14.94 -2.91 7.39
N THR B 130 14.93 -2.37 6.18
CA THR B 130 13.65 -2.18 5.49
C THR B 130 13.00 -3.52 5.16
N ILE B 131 13.77 -4.44 4.60
CA ILE B 131 13.26 -5.78 4.33
C ILE B 131 12.84 -6.47 5.62
N LEU B 132 13.69 -6.42 6.64
CA LEU B 132 13.35 -7.06 7.92
C LEU B 132 12.08 -6.48 8.51
N ARG B 133 11.92 -5.16 8.45
CA ARG B 133 10.70 -4.53 8.93
C ARG B 133 9.43 -5.10 8.27
N GLU B 134 9.45 -5.24 6.95
CA GLU B 134 8.28 -5.76 6.26
C GLU B 134 8.01 -7.25 6.57
N ILE B 135 9.07 -8.05 6.67
CA ILE B 135 8.93 -9.43 7.12
C ILE B 135 8.28 -9.46 8.51
N LEU B 136 8.76 -8.60 9.41
CA LEU B 136 8.22 -8.52 10.76
C LEU B 136 6.72 -8.21 10.78
N LYS B 137 6.29 -7.28 9.95
CA LYS B 137 4.87 -6.96 9.83
C LYS B 137 4.06 -8.17 9.35
N GLY B 138 4.61 -8.94 8.41
CA GLY B 138 3.98 -10.19 7.98
C GLY B 138 3.90 -11.24 9.07
N LEU B 139 5.00 -11.41 9.80
CA LEU B 139 5.03 -12.31 10.95
C LEU B 139 4.03 -11.92 12.04
N ASP B 140 3.98 -10.65 12.40
CA ASP B 140 3.04 -10.18 13.39
C ASP B 140 1.60 -10.47 12.98
N TYR B 141 1.31 -10.28 11.69
CA TYR B 141 -0.02 -10.63 11.20
C TYR B 141 -0.29 -12.13 11.32
N LEU B 142 0.65 -12.96 10.89
CA LEU B 142 0.46 -14.40 10.96
C LEU B 142 0.29 -14.88 12.40
N HIS B 143 1.16 -14.41 13.29
CA HIS B 143 1.15 -14.87 14.68
C HIS B 143 -0.10 -14.40 15.43
N SER B 144 -0.61 -13.22 15.11
CA SER B 144 -1.88 -12.77 15.64
C SER B 144 -3.01 -13.70 15.21
N GLU B 145 -2.90 -14.28 14.02
CA GLU B 145 -3.90 -15.22 13.50
C GLU B 145 -3.67 -16.61 14.00
N LYS B 146 -2.66 -16.78 14.85
CA LYS B 146 -2.28 -18.07 15.43
C LYS B 146 -1.68 -18.99 14.37
N LYS B 147 -1.14 -18.38 13.32
CA LYS B 147 -0.46 -19.11 12.29
C LYS B 147 1.05 -18.98 12.49
N ILE B 148 1.77 -20.02 12.07
CA ILE B 148 3.24 -20.06 12.10
C ILE B 148 3.71 -20.42 10.70
N HIS B 149 4.65 -19.68 10.15
CA HIS B 149 5.09 -19.90 8.76
C HIS B 149 5.97 -21.14 8.66
N ARG B 150 6.96 -21.23 9.57
CA ARG B 150 7.86 -22.38 9.72
C ARG B 150 8.87 -22.60 8.56
N ASP B 151 8.91 -21.71 7.57
CA ASP B 151 9.96 -21.81 6.56
C ASP B 151 10.41 -20.41 6.18
N ILE B 152 10.61 -19.57 7.19
CA ILE B 152 11.11 -18.22 6.95
C ILE B 152 12.56 -18.28 6.49
N LYS B 153 12.82 -17.68 5.33
CA LYS B 153 14.16 -17.58 4.78
C LYS B 153 14.11 -16.61 3.61
N ALA B 154 15.26 -16.10 3.17
CA ALA B 154 15.27 -15.07 2.13
C ALA B 154 14.59 -15.53 0.83
N ALA B 155 14.71 -16.82 0.52
CA ALA B 155 14.16 -17.35 -0.73
C ALA B 155 12.64 -17.29 -0.73
N ASN B 156 12.06 -17.15 0.45
CA ASN B 156 10.61 -17.11 0.57
C ASN B 156 10.10 -15.71 0.83
N VAL B 157 10.95 -14.72 0.62
CA VAL B 157 10.53 -13.34 0.75
C VAL B 157 10.49 -12.73 -0.66
N LEU B 158 9.29 -12.42 -1.15
CA LEU B 158 9.10 -12.00 -2.54
C LEU B 158 8.83 -10.52 -2.61
N LEU B 159 9.38 -9.86 -3.61
CA LEU B 159 9.17 -8.44 -3.76
C LEU B 159 8.37 -8.11 -5.02
N SER B 160 7.57 -7.03 -4.96
CA SER B 160 6.93 -6.49 -6.15
C SER B 160 7.97 -5.67 -6.90
N GLU B 161 7.66 -5.26 -8.13
CA GLU B 161 8.64 -4.50 -8.87
C GLU B 161 8.74 -3.06 -8.32
N HIS B 162 7.85 -2.68 -7.41
CA HIS B 162 7.98 -1.38 -6.77
C HIS B 162 8.47 -1.45 -5.31
N GLY B 163 8.99 -2.60 -4.89
CA GLY B 163 9.62 -2.69 -3.58
C GLY B 163 8.76 -3.24 -2.44
N GLU B 164 7.51 -3.63 -2.72
CA GLU B 164 6.69 -4.28 -1.70
C GLU B 164 7.29 -5.62 -1.32
N VAL B 165 7.20 -5.98 -0.05
CA VAL B 165 7.79 -7.19 0.48
C VAL B 165 6.73 -8.11 1.08
N LYS B 166 6.68 -9.35 0.61
CA LYS B 166 5.66 -10.29 1.11
C LYS B 166 6.21 -11.69 1.40
N LEU B 167 5.62 -12.34 2.39
CA LEU B 167 5.93 -13.76 2.64
C LEU B 167 5.25 -14.68 1.64
N ALA B 168 5.96 -15.74 1.25
CA ALA B 168 5.40 -16.74 0.35
C ALA B 168 5.82 -18.13 0.82
N ASP B 169 5.37 -19.15 0.09
CA ASP B 169 5.59 -20.57 0.41
C ASP B 169 5.03 -20.97 1.76
N PHE B 170 3.72 -21.18 1.80
CA PHE B 170 3.05 -21.58 3.02
C PHE B 170 2.78 -23.08 3.01
N GLY B 171 3.63 -23.83 2.32
CA GLY B 171 3.49 -25.27 2.20
C GLY B 171 3.56 -26.03 3.53
N VAL B 172 4.36 -25.50 4.46
CA VAL B 172 4.49 -26.11 5.78
C VAL B 172 4.01 -25.22 6.93
N ALA B 173 3.25 -24.17 6.62
CA ALA B 173 2.68 -23.32 7.67
C ALA B 173 1.80 -24.10 8.66
N GLY B 174 1.91 -23.75 9.94
CA GLY B 174 1.15 -24.44 10.98
C GLY B 174 0.07 -23.56 11.59
N GLN B 175 -0.98 -24.20 12.11
CA GLN B 175 -2.06 -23.48 12.75
C GLN B 175 -2.20 -23.88 14.21
N LEU B 176 -2.25 -22.89 15.09
CA LEU B 176 -2.63 -23.12 16.48
C LEU B 176 -4.13 -22.92 16.64
N THR B 177 -4.75 -23.78 17.44
CA THR B 177 -6.18 -23.63 17.76
C THR B 177 -6.40 -23.82 19.24
N ASP B 178 -7.67 -23.81 19.63
CA ASP B 178 -8.08 -24.10 21.01
C ASP B 178 -7.78 -25.56 21.37
N THR B 179 -7.98 -26.45 20.40
CA THR B 179 -7.83 -27.89 20.59
C THR B 179 -6.39 -28.38 20.34
N GLN B 180 -5.63 -27.63 19.55
CA GLN B 180 -4.21 -27.93 19.33
C GLN B 180 -3.35 -26.74 19.74
N ILE B 181 -2.79 -26.86 20.95
CA ILE B 181 -2.07 -25.80 21.65
C ILE B 181 -0.81 -25.33 20.95
N LYS B 182 0.20 -26.20 20.88
CA LYS B 182 1.46 -25.87 20.21
C LYS B 182 1.69 -26.86 19.08
N ARG B 183 2.80 -26.70 18.36
CA ARG B 183 3.13 -27.57 17.24
C ARG B 183 4.33 -28.44 17.57
N ASN B 184 4.44 -29.58 16.88
CA ASN B 184 5.50 -30.56 17.10
C ASN B 184 6.29 -30.89 15.83
N PHE B 186 8.45 -31.69 12.68
CA PHE B 186 9.77 -31.42 12.13
C PHE B 186 9.61 -30.92 10.70
N VAL B 187 9.54 -29.61 10.52
CA VAL B 187 9.41 -28.99 9.21
C VAL B 187 10.33 -27.77 9.12
N GLY B 188 10.67 -27.40 7.90
CA GLY B 188 11.47 -26.23 7.63
C GLY B 188 12.73 -26.55 6.83
N THR B 189 13.64 -25.58 6.74
CA THR B 189 14.91 -25.78 6.03
C THR B 189 16.03 -25.74 7.06
N PRO B 190 16.80 -26.84 7.17
CA PRO B 190 17.75 -27.10 8.26
C PRO B 190 18.53 -25.89 8.75
N PHE B 191 19.15 -25.09 7.88
CA PHE B 191 19.94 -23.94 8.33
C PHE B 191 19.12 -22.88 9.07
N TRP B 192 17.83 -22.81 8.75
CA TRP B 192 16.96 -21.79 9.35
C TRP B 192 16.11 -22.29 10.54
N MET B 193 16.18 -23.60 10.84
CA MET B 193 15.29 -24.22 11.84
C MET B 193 15.68 -23.91 13.28
N ALA B 194 14.69 -23.55 14.09
CA ALA B 194 14.92 -23.26 15.48
C ALA B 194 15.29 -24.57 16.20
N PRO B 195 16.04 -24.48 17.30
CA PRO B 195 16.45 -25.71 17.97
C PRO B 195 15.27 -26.53 18.49
N GLU B 196 14.22 -25.88 18.97
CA GLU B 196 13.12 -26.66 19.54
C GLU B 196 12.34 -27.37 18.45
N VAL B 197 12.44 -26.88 17.20
CA VAL B 197 11.74 -27.54 16.11
C VAL B 197 12.50 -28.81 15.71
N ILE B 198 13.82 -28.73 15.78
CA ILE B 198 14.66 -29.86 15.44
C ILE B 198 14.49 -30.99 16.46
N LYS B 199 14.45 -30.63 17.73
CA LYS B 199 14.20 -31.61 18.77
C LYS B 199 12.71 -32.01 18.90
N GLN B 200 11.87 -31.41 18.06
CA GLN B 200 10.44 -31.73 18.03
C GLN B 200 9.73 -31.57 19.38
N SER B 201 10.22 -30.64 20.21
CA SER B 201 9.50 -30.27 21.42
C SER B 201 8.39 -29.31 21.08
N ALA B 202 7.51 -29.03 22.04
CA ALA B 202 6.41 -28.09 21.82
C ALA B 202 6.92 -26.69 21.47
N TYR B 203 6.51 -26.17 20.32
CA TYR B 203 6.96 -24.85 19.91
C TYR B 203 5.80 -24.02 19.34
N ASP B 204 6.04 -22.73 19.16
CA ASP B 204 5.01 -21.86 18.60
C ASP B 204 5.63 -20.80 17.66
N SER B 205 5.00 -19.63 17.60
CA SER B 205 5.48 -18.53 16.75
C SER B 205 6.94 -18.16 16.98
N LYS B 206 7.46 -18.42 18.18
CA LYS B 206 8.83 -18.02 18.48
C LYS B 206 9.85 -18.77 17.60
N ALA B 207 9.46 -19.92 17.05
CA ALA B 207 10.27 -20.63 16.05
C ALA B 207 10.51 -19.73 14.82
N ASP B 208 9.50 -18.97 14.43
CA ASP B 208 9.64 -18.04 13.31
C ASP B 208 10.65 -16.94 13.63
N ILE B 209 10.67 -16.50 14.89
CA ILE B 209 11.60 -15.45 15.30
C ILE B 209 13.06 -15.88 15.24
N TRP B 210 13.35 -17.12 15.66
CA TRP B 210 14.68 -17.70 15.41
C TRP B 210 15.01 -17.73 13.90
N SER B 211 14.09 -18.25 13.08
CA SER B 211 14.33 -18.34 11.65
C SER B 211 14.49 -16.94 11.05
N LEU B 212 13.82 -15.96 11.65
CA LEU B 212 14.01 -14.58 11.24
C LEU B 212 15.43 -14.13 11.52
N GLY B 213 15.94 -14.53 12.69
CA GLY B 213 17.31 -14.22 13.10
C GLY B 213 18.35 -14.78 12.14
N ILE B 214 18.14 -16.01 11.71
CA ILE B 214 19.00 -16.63 10.71
C ILE B 214 18.86 -15.87 9.42
N THR B 215 17.64 -15.47 9.09
CA THR B 215 17.37 -14.72 7.88
C THR B 215 18.07 -13.37 7.92
N ALA B 216 18.10 -12.71 9.09
CA ALA B 216 18.83 -11.45 9.20
C ALA B 216 20.32 -11.65 8.91
N ILE B 217 20.89 -12.76 9.38
CA ILE B 217 22.30 -13.05 9.05
C ILE B 217 22.48 -13.30 7.54
N GLU B 218 21.53 -14.02 6.95
CA GLU B 218 21.52 -14.28 5.52
C GLU B 218 21.46 -12.98 4.71
N LEU B 219 20.63 -12.03 5.17
CA LEU B 219 20.51 -10.75 4.51
C LEU B 219 21.81 -9.94 4.59
N ALA B 220 22.51 -10.08 5.73
CA ALA B 220 23.71 -9.31 6.00
C ALA B 220 24.95 -9.90 5.32
N ARG B 221 25.06 -11.22 5.38
CA ARG B 221 26.25 -11.94 4.88
C ARG B 221 26.03 -12.66 3.56
N GLY B 222 24.78 -12.85 3.16
CA GLY B 222 24.51 -13.49 1.87
C GLY B 222 24.13 -14.94 2.00
N GLU B 223 24.38 -15.52 3.18
CA GLU B 223 24.09 -16.92 3.40
C GLU B 223 23.99 -17.22 4.91
N PRO B 224 23.19 -18.22 5.27
CA PRO B 224 22.97 -18.52 6.70
C PRO B 224 24.22 -19.10 7.36
N PRO B 225 24.27 -19.09 8.69
CA PRO B 225 25.37 -19.78 9.39
C PRO B 225 25.50 -21.25 8.97
N HIS B 226 26.74 -21.73 8.89
CA HIS B 226 27.07 -23.12 8.53
C HIS B 226 26.69 -23.50 7.11
N SER B 227 26.63 -22.55 6.19
CA SER B 227 26.10 -22.84 4.86
C SER B 227 27.05 -23.72 4.05
N GLU B 228 28.26 -23.89 4.55
CA GLU B 228 29.25 -24.72 3.87
C GLU B 228 29.13 -26.20 4.26
N LEU B 229 28.32 -26.49 5.28
CA LEU B 229 28.17 -27.87 5.79
C LEU B 229 26.94 -28.59 5.26
N HIS B 230 26.99 -29.92 5.26
CA HIS B 230 25.82 -30.70 4.89
C HIS B 230 24.67 -30.41 5.85
N PRO B 231 23.44 -30.28 5.31
CA PRO B 231 22.24 -30.00 6.09
C PRO B 231 22.01 -31.01 7.21
N MET B 232 22.43 -32.25 7.03
CA MET B 232 22.24 -33.24 8.07
C MET B 232 23.16 -32.95 9.25
N LYS B 233 24.33 -32.41 8.97
CA LYS B 233 25.27 -32.07 10.01
C LYS B 233 24.75 -30.90 10.81
N VAL B 234 24.09 -29.99 10.14
CA VAL B 234 23.57 -28.81 10.82
C VAL B 234 22.44 -29.19 11.77
N LEU B 235 21.77 -30.28 11.46
CA LEU B 235 20.68 -30.76 12.32
C LEU B 235 21.14 -31.13 13.72
N PHE B 236 22.41 -31.48 13.91
CA PHE B 236 22.85 -31.71 15.28
C PHE B 236 23.61 -30.52 15.83
N LEU B 237 24.19 -29.68 14.98
CA LEU B 237 24.95 -28.53 15.47
C LEU B 237 24.02 -27.53 16.15
N ILE B 238 22.88 -27.28 15.52
CA ILE B 238 22.00 -26.23 15.98
C ILE B 238 21.53 -26.45 17.42
N PRO B 239 21.02 -27.66 17.74
CA PRO B 239 20.67 -27.87 19.16
C PRO B 239 21.89 -27.93 20.07
N LYS B 240 23.01 -28.42 19.54
CA LYS B 240 24.21 -28.64 20.34
C LYS B 240 24.94 -27.35 20.68
N ASN B 241 25.19 -26.53 19.67
CA ASN B 241 25.99 -25.32 19.85
C ASN B 241 25.28 -24.13 20.50
N ASN B 242 26.07 -23.17 20.95
CA ASN B 242 25.55 -21.87 21.30
C ASN B 242 25.00 -21.26 20.03
N PRO B 243 24.11 -20.27 20.15
CA PRO B 243 23.50 -19.75 18.92
C PRO B 243 24.49 -18.93 18.08
N PRO B 244 24.30 -18.91 16.75
CA PRO B 244 25.13 -18.06 15.89
C PRO B 244 25.05 -16.61 16.32
N THR B 245 26.12 -15.86 16.06
CA THR B 245 26.16 -14.42 16.26
C THR B 245 26.50 -13.75 14.93
N LEU B 246 26.12 -12.50 14.76
CA LEU B 246 26.55 -11.79 13.58
C LEU B 246 27.89 -11.12 13.86
N GLU B 247 28.96 -11.63 13.23
CA GLU B 247 30.30 -11.06 13.37
C GLU B 247 30.64 -10.16 12.19
N GLY B 248 31.38 -9.08 12.45
CA GLY B 248 31.89 -8.24 11.39
C GLY B 248 31.72 -6.76 11.61
N ASN B 249 31.71 -5.98 10.52
CA ASN B 249 31.64 -4.52 10.61
C ASN B 249 30.21 -3.97 10.54
N TYR B 250 29.27 -4.77 11.03
CA TYR B 250 27.89 -4.38 11.06
C TYR B 250 27.68 -3.52 12.28
N SER B 251 26.74 -2.57 12.21
CA SER B 251 26.42 -1.76 13.36
C SER B 251 25.99 -2.64 14.55
N LYS B 252 26.38 -2.23 15.76
CA LYS B 252 25.97 -2.93 16.96
C LYS B 252 24.45 -3.24 17.07
N PRO B 253 23.57 -2.27 16.72
CA PRO B 253 22.14 -2.63 16.80
C PRO B 253 21.70 -3.78 15.89
N LEU B 254 22.30 -3.89 14.70
CA LEU B 254 22.02 -5.06 13.85
C LEU B 254 22.49 -6.34 14.54
N LYS B 255 23.71 -6.31 15.08
CA LYS B 255 24.25 -7.48 15.78
C LYS B 255 23.38 -7.91 16.94
N GLU B 256 22.82 -6.92 17.64
CA GLU B 256 21.95 -7.19 18.77
C GLU B 256 20.54 -7.62 18.36
N PHE B 257 20.07 -7.18 17.20
CA PHE B 257 18.81 -7.66 16.62
C PHE B 257 18.90 -9.16 16.40
N VAL B 258 19.98 -9.57 15.75
CA VAL B 258 20.26 -10.99 15.52
C VAL B 258 20.38 -11.77 16.82
N GLU B 259 21.13 -11.21 17.76
CA GLU B 259 21.35 -11.87 19.04
C GLU B 259 20.02 -12.06 19.79
N ALA B 260 19.15 -11.07 19.74
CA ALA B 260 17.85 -11.17 20.41
C ALA B 260 17.01 -12.30 19.79
N CYS B 261 17.05 -12.43 18.46
CA CYS B 261 16.28 -13.49 17.81
C CYS B 261 16.86 -14.86 18.10
N LEU B 262 18.19 -14.93 18.12
CA LEU B 262 18.90 -16.20 18.22
C LEU B 262 19.24 -16.50 19.67
N ASN B 263 18.18 -16.67 20.44
CA ASN B 263 18.31 -17.19 21.79
C ASN B 263 17.78 -18.61 21.77
N LYS B 264 18.45 -19.54 22.44
CA LYS B 264 17.99 -20.91 22.33
C LYS B 264 16.77 -21.16 23.18
N GLU B 265 16.51 -20.28 24.15
CA GLU B 265 15.21 -20.31 24.87
C GLU B 265 14.18 -19.46 24.12
N PRO B 266 13.14 -20.11 23.57
CA PRO B 266 12.06 -19.41 22.88
C PRO B 266 11.45 -18.30 23.72
N SER B 267 11.30 -18.53 25.02
CA SER B 267 10.64 -17.55 25.88
C SER B 267 11.49 -16.31 26.08
N PHE B 268 12.79 -16.41 25.77
CA PHE B 268 13.66 -15.23 25.81
C PHE B 268 13.66 -14.45 24.48
N ARG B 269 13.09 -15.06 23.43
CA ARG B 269 13.02 -14.39 22.15
C ARG B 269 11.91 -13.34 22.16
N PRO B 270 12.15 -12.21 21.49
CA PRO B 270 11.11 -11.19 21.37
C PRO B 270 10.02 -11.62 20.41
N THR B 271 8.87 -10.98 20.44
CA THR B 271 7.84 -11.15 19.43
C THR B 271 8.12 -10.30 18.17
N ALA B 272 7.44 -10.60 17.07
CA ALA B 272 7.60 -9.81 15.85
C ALA B 272 7.23 -8.34 16.11
N LYS B 273 6.19 -8.14 16.91
CA LYS B 273 5.73 -6.79 17.25
C LYS B 273 6.79 -5.99 18.00
N GLU B 274 7.40 -6.55 19.06
CA GLU B 274 8.48 -5.85 19.79
C GLU B 274 9.65 -5.49 18.88
N LEU B 275 10.00 -6.39 17.96
CA LEU B 275 11.12 -6.19 17.05
C LEU B 275 10.88 -5.05 16.08
N LEU B 276 9.61 -4.75 15.82
CA LEU B 276 9.27 -3.60 14.99
C LEU B 276 9.74 -2.30 15.64
N LYS B 277 9.89 -2.28 16.97
CA LYS B 277 10.44 -1.08 17.62
C LYS B 277 11.91 -1.21 18.03
N HIS B 278 12.58 -2.27 17.57
CA HIS B 278 14.00 -2.44 17.83
C HIS B 278 14.81 -1.26 17.24
N LYS B 279 15.86 -0.85 17.96
CA LYS B 279 16.69 0.26 17.53
C LYS B 279 17.24 0.08 16.11
N PHE B 280 17.58 -1.16 15.73
CA PHE B 280 18.06 -1.39 14.37
C PHE B 280 17.02 -1.02 13.34
N ILE B 281 15.77 -1.41 13.61
CA ILE B 281 14.70 -1.15 12.67
C ILE B 281 14.36 0.33 12.63
N LEU B 282 14.20 0.95 13.80
CA LEU B 282 13.79 2.36 13.84
C LEU B 282 14.82 3.33 13.22
N ARG B 283 16.11 3.09 13.46
CA ARG B 283 17.13 4.00 12.93
C ARG B 283 17.50 3.78 11.45
N ASN B 284 17.17 2.62 10.87
CA ASN B 284 17.70 2.28 9.54
C ASN B 284 16.65 2.01 8.46
N ALA B 285 15.48 1.52 8.83
CA ALA B 285 14.48 1.19 7.82
C ALA B 285 13.92 2.47 7.21
N LYS B 286 13.68 2.44 5.90
CA LYS B 286 13.13 3.56 5.21
C LYS B 286 12.01 3.08 4.29
N LYS B 287 11.55 3.93 3.39
CA LYS B 287 10.45 3.59 2.48
C LYS B 287 10.73 2.36 1.62
N THR B 288 9.74 1.49 1.53
CA THR B 288 9.91 0.27 0.75
C THR B 288 10.16 0.58 -0.72
N SER B 289 9.68 1.72 -1.20
CA SER B 289 9.85 2.08 -2.60
C SER B 289 11.34 2.20 -2.97
N TYR B 290 12.19 2.56 -2.02
CA TYR B 290 13.64 2.60 -2.29
C TYR B 290 14.23 1.24 -2.68
N LEU B 291 13.56 0.16 -2.32
CA LEU B 291 14.08 -1.17 -2.64
C LEU B 291 14.04 -1.45 -4.14
N THR B 292 13.32 -0.61 -4.89
CA THR B 292 13.33 -0.72 -6.35
C THR B 292 14.75 -0.59 -6.89
N GLU B 293 15.59 0.13 -6.16
CA GLU B 293 17.01 0.21 -6.49
C GLU B 293 17.61 -1.20 -6.53
N LEU B 294 17.18 -2.05 -5.61
CA LEU B 294 17.67 -3.42 -5.54
C LEU B 294 17.23 -4.24 -6.73
N ILE B 295 15.99 -4.00 -7.14
CA ILE B 295 15.42 -4.68 -8.29
C ILE B 295 16.09 -4.19 -9.57
N ASP B 296 16.32 -2.89 -9.65
CA ASP B 296 17.06 -2.33 -10.78
C ASP B 296 18.44 -2.96 -10.90
N ARG B 297 19.14 -3.10 -9.77
CA ARG B 297 20.47 -3.70 -9.78
C ARG B 297 20.44 -5.13 -10.30
N TYR B 298 19.43 -5.89 -9.87
CA TYR B 298 19.31 -7.28 -10.32
C TYR B 298 19.13 -7.36 -11.83
N LYS B 299 18.25 -6.52 -12.37
CA LYS B 299 18.01 -6.45 -13.81
C LYS B 299 19.31 -6.22 -14.57
N ARG B 300 20.01 -5.14 -14.24
CA ARG B 300 21.27 -4.82 -14.89
C ARG B 300 22.26 -5.94 -14.76
N TRP B 301 22.31 -6.54 -13.58
CA TRP B 301 23.23 -7.63 -13.31
C TRP B 301 22.93 -8.83 -14.19
N LYS B 302 21.68 -9.16 -14.37
CA LYS B 302 21.39 -10.34 -15.10
C LYS B 302 21.53 -10.11 -16.61
N ALA B 303 21.47 -8.88 -17.02
CA ALA B 303 21.81 -8.61 -18.42
C ALA B 303 23.26 -9.03 -18.70
N GLU B 304 24.18 -8.60 -17.86
CA GLU B 304 25.62 -8.82 -18.07
C GLU B 304 26.11 -10.27 -17.92
N GLN B 305 25.20 -11.18 -17.61
CA GLN B 305 25.57 -12.58 -17.41
C GLN B 305 25.01 -13.50 -18.51
#